data_7RQP
#
_entry.id   7RQP
#
_cell.length_a   67.964
_cell.length_b   117.670
_cell.length_c   143.665
_cell.angle_alpha   90.000
_cell.angle_beta   90.000
_cell.angle_gamma   90.000
#
_symmetry.space_group_name_H-M   'I 2 2 2'
#
loop_
_entity.id
_entity.type
_entity.pdbx_description
1 polymer 'L9 Heavy Chain'
2 polymer 'L9 Kappa Chain'
3 water water
#
loop_
_entity_poly.entity_id
_entity_poly.type
_entity_poly.pdbx_seq_one_letter_code
_entity_poly.pdbx_strand_id
1 'polypeptide(L)'
;QVKLVESGGGVVQPGRSLRLSCEASGFIFSTYGMHWVRQAPGKGLEWVAVIWFDGSNIYYADSVKGRFTISRDNSKNTVF
MQMDSLRAEDTAVYYCHRNFYDGSGPFDYWGQGTLVTVSSASTKGPSVFPLAPSSKSTSGGTAALGCLVKDYFPEPVTVS
WNSGALTSGVHTFPAVLQSSGLYSLSSVVTVPSSSLGTQTYICNVNHKPSNTKVDKKVEPKSCDKTH
;
A
2 'polypeptide(L)'
;DIQMTQSPSTLSASVGDRVTITCRASQFISRWLAWYQQKPGKAPKLLIYKASSLESGVPSRFSGSGSETHFTLTISSLQP
DDVATYYCQEYTSYGRTFGQGTKVEIKRTVAAPSVFIFPPSDEQLKSGTASVVCLLNNFYPREAKVQWKVDNALQSGNSQ
ESVTEQDSKDSTYSLSSTLTLSKADYEKHKVYACEVTHQGLSSPVTKSFNRGEC
;
B
#
# COMPACT_ATOMS: atom_id res chain seq x y z
N LYS A 3 13.56 -12.28 -14.36
CA LYS A 3 12.64 -11.22 -13.99
C LYS A 3 11.20 -11.60 -14.33
N LEU A 4 10.27 -11.27 -13.44
CA LEU A 4 8.87 -11.63 -13.61
C LEU A 4 8.01 -10.37 -13.76
N VAL A 5 7.05 -10.44 -14.68
CA VAL A 5 6.13 -9.34 -14.93
C VAL A 5 4.72 -9.92 -15.06
N GLU A 6 3.80 -9.46 -14.22
CA GLU A 6 2.40 -9.86 -14.33
C GLU A 6 1.65 -8.90 -15.25
N SER A 7 0.46 -9.34 -15.67
CA SER A 7 -0.36 -8.58 -16.59
C SER A 7 -1.76 -9.17 -16.59
N GLY A 8 -2.70 -8.44 -17.20
CA GLY A 8 -4.06 -8.90 -17.33
C GLY A 8 -5.00 -8.50 -16.23
N GLY A 9 -4.64 -7.51 -15.42
CA GLY A 9 -5.50 -7.06 -14.34
C GLY A 9 -6.70 -6.27 -14.85
N GLY A 10 -7.41 -5.69 -13.90
CA GLY A 10 -8.59 -4.90 -14.18
C GLY A 10 -9.71 -5.25 -13.24
N VAL A 11 -10.92 -4.90 -13.63
CA VAL A 11 -12.12 -5.16 -12.84
C VAL A 11 -12.92 -6.25 -13.53
N VAL A 12 -13.56 -7.11 -12.73
CA VAL A 12 -14.36 -8.21 -13.25
C VAL A 12 -15.64 -8.32 -12.43
N GLN A 13 -16.71 -8.79 -13.08
CA GLN A 13 -17.99 -8.91 -12.43
C GLN A 13 -18.07 -10.21 -11.63
N PRO A 14 -18.77 -10.19 -10.48
CA PRO A 14 -18.90 -11.41 -9.68
C PRO A 14 -19.53 -12.54 -10.48
N GLY A 15 -18.87 -13.68 -10.48
CA GLY A 15 -19.25 -14.82 -11.29
C GLY A 15 -18.49 -14.90 -12.60
N ARG A 16 -18.20 -13.75 -13.21
CA ARG A 16 -17.45 -13.72 -14.44
C ARG A 16 -15.96 -13.92 -14.16
N SER A 17 -15.18 -14.06 -15.23
CA SER A 17 -13.84 -14.62 -15.15
C SER A 17 -12.81 -13.72 -15.81
N LEU A 18 -11.55 -13.94 -15.44
CA LEU A 18 -10.41 -13.19 -15.97
C LEU A 18 -9.19 -14.09 -15.99
N ARG A 19 -8.26 -13.77 -16.88
CA ARG A 19 -7.04 -14.55 -17.06
C ARG A 19 -5.82 -13.65 -16.88
N LEU A 20 -4.87 -14.10 -16.07
CA LEU A 20 -3.66 -13.35 -15.77
C LEU A 20 -2.44 -14.03 -16.39
N SER A 21 -1.50 -13.20 -16.84
CA SER A 21 -0.28 -13.69 -17.48
C SER A 21 0.93 -13.30 -16.66
N CYS A 22 1.92 -14.20 -16.62
CA CYS A 22 3.19 -13.97 -15.93
C CYS A 22 4.30 -14.38 -16.88
N GLU A 23 5.00 -13.39 -17.44
CA GLU A 23 6.09 -13.65 -18.38
C GLU A 23 7.42 -13.59 -17.64
N ALA A 24 8.25 -14.61 -17.83
CA ALA A 24 9.58 -14.67 -17.26
C ALA A 24 10.62 -14.37 -18.34
N SER A 25 11.79 -13.93 -17.89
CA SER A 25 12.92 -13.67 -18.78
C SER A 25 14.07 -14.60 -18.43
N GLY A 26 14.91 -14.87 -19.41
CA GLY A 26 16.07 -15.71 -19.20
C GLY A 26 15.85 -17.13 -19.69
N PHE A 27 16.77 -18.00 -19.30
CA PHE A 27 16.70 -19.40 -19.67
C PHE A 27 15.59 -20.10 -18.87
N ILE A 28 15.18 -21.26 -19.36
CA ILE A 28 14.09 -22.01 -18.76
C ILE A 28 14.48 -23.49 -18.74
N PHE A 29 14.53 -24.07 -17.54
CA PHE A 29 14.83 -25.48 -17.37
C PHE A 29 13.54 -26.25 -17.09
N SER A 30 13.52 -27.52 -17.48
CA SER A 30 12.39 -28.38 -17.15
C SER A 30 12.22 -28.55 -15.65
N THR A 31 13.28 -28.31 -14.87
CA THR A 31 13.17 -28.34 -13.42
C THR A 31 12.25 -27.24 -12.89
N TYR A 32 12.17 -26.12 -13.60
CA TYR A 32 11.59 -24.90 -13.05
C TYR A 32 10.07 -25.01 -12.91
N GLY A 33 9.50 -23.99 -12.28
CA GLY A 33 8.07 -23.93 -12.05
C GLY A 33 7.63 -22.51 -11.79
N MET A 34 6.46 -22.36 -11.17
CA MET A 34 5.87 -21.05 -10.95
C MET A 34 4.88 -21.11 -9.81
N HIS A 35 4.98 -20.14 -8.90
CA HIS A 35 4.03 -19.99 -7.80
C HIS A 35 3.13 -18.79 -8.04
N TRP A 36 1.88 -18.91 -7.61
CA TRP A 36 0.95 -17.80 -7.59
C TRP A 36 0.59 -17.49 -6.15
N VAL A 37 0.87 -16.26 -5.73
CA VAL A 37 0.58 -15.79 -4.38
C VAL A 37 -0.20 -14.48 -4.49
N ARG A 38 -1.28 -14.36 -3.72
CA ARG A 38 -2.10 -13.16 -3.72
C ARG A 38 -2.10 -12.53 -2.34
N GLN A 39 -2.48 -11.25 -2.29
CA GLN A 39 -2.56 -10.51 -1.04
C GLN A 39 -3.79 -9.60 -1.10
N ALA A 40 -4.76 -9.88 -0.26
CA ALA A 40 -5.95 -9.05 -0.18
C ALA A 40 -5.58 -7.66 0.34
N PRO A 41 -6.39 -6.64 0.02
CA PRO A 41 -6.12 -5.29 0.53
C PRO A 41 -6.06 -5.24 2.05
N GLY A 42 -4.86 -5.04 2.59
CA GLY A 42 -4.68 -4.92 4.03
C GLY A 42 -4.54 -6.22 4.79
N LYS A 43 -4.41 -7.34 4.11
CA LYS A 43 -4.29 -8.65 4.77
C LYS A 43 -2.94 -9.28 4.40
N GLY A 44 -2.76 -10.53 4.83
CA GLY A 44 -1.50 -11.23 4.65
C GLY A 44 -1.41 -11.92 3.30
N LEU A 45 -0.31 -12.66 3.13
CA LEU A 45 -0.05 -13.38 1.90
C LEU A 45 -0.72 -14.75 1.93
N GLU A 46 -1.18 -15.19 0.76
CA GLU A 46 -1.81 -16.50 0.62
C GLU A 46 -1.27 -17.17 -0.63
N TRP A 47 -0.82 -18.41 -0.47
CA TRP A 47 -0.35 -19.21 -1.60
C TRP A 47 -1.54 -19.81 -2.33
N VAL A 48 -1.62 -19.56 -3.63
CA VAL A 48 -2.76 -19.97 -4.44
C VAL A 48 -2.53 -21.31 -5.11
N ALA A 49 -1.38 -21.47 -5.78
CA ALA A 49 -1.07 -22.72 -6.48
C ALA A 49 0.37 -22.67 -6.97
N VAL A 50 0.83 -23.81 -7.47
CA VAL A 50 2.13 -23.94 -8.11
C VAL A 50 1.97 -24.84 -9.33
N ILE A 51 2.74 -24.55 -10.38
CA ILE A 51 2.82 -25.40 -11.56
C ILE A 51 4.26 -25.84 -11.72
N TRP A 52 4.46 -27.11 -12.09
CA TRP A 52 5.79 -27.68 -12.28
C TRP A 52 5.92 -28.13 -13.72
N PHE A 53 6.95 -27.61 -14.40
CA PHE A 53 7.06 -27.77 -15.85
C PHE A 53 7.41 -29.19 -16.26
N ASP A 54 7.88 -30.03 -15.33
CA ASP A 54 8.37 -31.36 -15.68
C ASP A 54 7.25 -32.39 -15.84
N GLY A 55 6.01 -31.96 -16.06
CA GLY A 55 4.93 -32.91 -16.28
C GLY A 55 3.54 -32.33 -16.10
N SER A 56 2.66 -33.13 -15.48
CA SER A 56 1.26 -32.76 -15.28
C SER A 56 0.97 -32.24 -13.89
N ASN A 57 1.98 -32.16 -13.02
CA ASN A 57 1.74 -31.82 -11.62
C ASN A 57 1.38 -30.35 -11.47
N ILE A 58 0.15 -30.09 -11.02
CA ILE A 58 -0.29 -28.77 -10.60
C ILE A 58 -0.98 -28.93 -9.25
N TYR A 59 -0.55 -28.13 -8.27
CA TYR A 59 -1.05 -28.23 -6.91
C TYR A 59 -1.72 -26.93 -6.53
N TYR A 60 -3.00 -26.99 -6.15
CA TYR A 60 -3.80 -25.82 -5.84
C TYR A 60 -4.06 -25.74 -4.34
N ALA A 61 -4.39 -24.54 -3.90
CA ALA A 61 -4.90 -24.34 -2.55
C ALA A 61 -6.38 -24.71 -2.52
N ASP A 62 -6.82 -25.25 -1.38
CA ASP A 62 -8.23 -25.60 -1.22
C ASP A 62 -9.15 -24.39 -1.31
N SER A 63 -8.61 -23.17 -1.18
CA SER A 63 -9.41 -21.97 -1.38
C SER A 63 -9.82 -21.79 -2.84
N VAL A 64 -9.09 -22.37 -3.79
CA VAL A 64 -9.35 -22.17 -5.21
C VAL A 64 -9.42 -23.48 -5.99
N LYS A 65 -9.22 -24.62 -5.34
CA LYS A 65 -9.18 -25.89 -6.05
C LYS A 65 -10.50 -26.14 -6.77
N GLY A 66 -10.40 -26.66 -7.99
CA GLY A 66 -11.55 -26.90 -8.84
C GLY A 66 -12.00 -25.72 -9.66
N ARG A 67 -11.56 -24.51 -9.32
CA ARG A 67 -11.91 -23.30 -10.05
C ARG A 67 -10.72 -22.79 -10.85
N PHE A 68 -9.69 -22.26 -10.18
CA PHE A 68 -8.56 -21.70 -10.90
C PHE A 68 -7.83 -22.78 -11.69
N THR A 69 -7.33 -22.42 -12.86
CA THR A 69 -6.58 -23.33 -13.71
C THR A 69 -5.35 -22.61 -14.24
N ILE A 70 -4.22 -23.31 -14.23
CA ILE A 70 -2.93 -22.74 -14.59
C ILE A 70 -2.37 -23.53 -15.77
N SER A 71 -1.86 -22.81 -16.76
CA SER A 71 -1.20 -23.42 -17.92
C SER A 71 -0.02 -22.54 -18.32
N ARG A 72 0.57 -22.85 -19.47
CA ARG A 72 1.78 -22.16 -19.89
C ARG A 72 1.94 -22.55 -21.36
N ASP A 73 2.80 -21.81 -22.06
CA ASP A 73 3.41 -22.25 -23.31
C ASP A 73 4.90 -22.04 -23.12
N ASN A 74 5.71 -23.02 -23.52
CA ASN A 74 7.13 -22.99 -23.15
C ASN A 74 7.96 -21.95 -23.87
N SER A 75 7.74 -21.77 -25.18
CA SER A 75 8.59 -20.87 -25.97
C SER A 75 8.34 -19.42 -25.60
N LYS A 76 7.10 -19.06 -25.25
CA LYS A 76 6.81 -17.70 -24.81
C LYS A 76 7.29 -17.44 -23.38
N ASN A 77 7.64 -18.49 -22.63
CA ASN A 77 8.10 -18.37 -21.25
C ASN A 77 7.10 -17.57 -20.40
N THR A 78 5.81 -17.80 -20.65
CA THR A 78 4.75 -17.20 -19.87
C THR A 78 3.94 -18.29 -19.18
N VAL A 79 3.35 -17.94 -18.05
CA VAL A 79 2.43 -18.80 -17.33
C VAL A 79 1.11 -18.07 -17.18
N PHE A 80 0.01 -18.79 -17.30
CA PHE A 80 -1.32 -18.22 -17.17
C PHE A 80 -2.05 -18.84 -15.99
N MET A 81 -2.97 -18.08 -15.41
CA MET A 81 -3.91 -18.60 -14.42
C MET A 81 -5.27 -17.99 -14.75
N GLN A 82 -6.14 -18.80 -15.35
CA GLN A 82 -7.50 -18.38 -15.64
C GLN A 82 -8.36 -18.62 -14.41
N MET A 83 -8.81 -17.54 -13.79
CA MET A 83 -9.68 -17.61 -12.63
C MET A 83 -11.13 -17.51 -13.08
N ASP A 84 -11.97 -18.40 -12.57
CA ASP A 84 -13.38 -18.40 -12.93
C ASP A 84 -14.23 -18.56 -11.68
N SER A 85 -15.52 -18.20 -11.80
CA SER A 85 -16.46 -18.21 -10.70
C SER A 85 -15.96 -17.32 -9.56
N LEU A 86 -15.48 -16.13 -9.92
CA LEU A 86 -14.86 -15.25 -8.95
C LEU A 86 -15.78 -14.70 -7.88
N ARG A 87 -15.32 -14.73 -6.64
CA ARG A 87 -15.94 -14.07 -5.50
C ARG A 87 -15.35 -12.75 -5.05
N ALA A 88 -16.02 -12.08 -4.11
CA ALA A 88 -15.54 -10.78 -3.65
C ALA A 88 -14.28 -11.12 -2.85
N GLU A 89 -14.24 -12.32 -2.25
CA GLU A 89 -13.11 -12.70 -1.42
C GLU A 89 -11.81 -12.82 -2.22
N ASP A 90 -11.90 -12.94 -3.55
CA ASP A 90 -10.72 -13.10 -4.38
C ASP A 90 -10.14 -11.77 -4.85
N THR A 91 -10.65 -10.65 -4.37
CA THR A 91 -10.07 -9.35 -4.68
C THR A 91 -8.73 -9.23 -3.95
N ALA A 92 -7.64 -9.20 -4.72
CA ALA A 92 -6.31 -9.21 -4.14
C ALA A 92 -5.31 -8.82 -5.22
N VAL A 93 -4.14 -8.37 -4.80
CA VAL A 93 -3.01 -8.22 -5.70
C VAL A 93 -2.36 -9.58 -5.88
N TYR A 94 -2.21 -10.00 -7.14
CA TYR A 94 -1.73 -11.33 -7.46
C TYR A 94 -0.28 -11.27 -7.93
N TYR A 95 0.59 -12.01 -7.25
CA TYR A 95 2.00 -12.13 -7.60
C TYR A 95 2.30 -13.50 -8.19
N CYS A 96 3.22 -13.56 -9.13
CA CYS A 96 3.87 -14.80 -9.51
C CYS A 96 5.29 -14.77 -8.98
N HIS A 97 5.83 -15.95 -8.67
CA HIS A 97 7.03 -16.03 -7.85
C HIS A 97 7.79 -17.31 -8.13
N ARG A 98 9.12 -17.22 -8.00
CA ARG A 98 10.04 -18.33 -8.20
C ARG A 98 11.09 -18.16 -7.13
N ASN A 99 11.49 -19.25 -6.47
CA ASN A 99 12.60 -19.25 -5.55
C ASN A 99 13.64 -20.24 -6.03
N PHE A 100 14.90 -20.02 -5.64
CA PHE A 100 15.92 -21.03 -5.84
C PHE A 100 15.96 -22.17 -4.84
N TYR A 101 15.31 -22.00 -3.69
CA TYR A 101 15.40 -22.95 -2.59
C TYR A 101 14.40 -24.09 -2.67
N ASP A 102 13.74 -24.28 -3.81
CA ASP A 102 12.92 -25.46 -3.99
C ASP A 102 12.82 -25.85 -5.46
N GLY A 103 13.73 -25.35 -6.31
CA GLY A 103 13.80 -25.74 -7.69
C GLY A 103 12.98 -24.96 -8.70
N SER A 104 12.07 -24.08 -8.24
CA SER A 104 11.17 -23.41 -9.16
C SER A 104 11.89 -22.41 -10.06
N GLY A 105 13.02 -21.85 -9.62
CA GLY A 105 13.73 -20.88 -10.40
C GLY A 105 15.19 -20.74 -10.02
N PRO A 106 15.91 -19.85 -10.72
CA PRO A 106 17.33 -19.63 -10.39
C PRO A 106 17.53 -18.64 -9.25
N PHE A 107 16.56 -17.75 -9.06
CA PHE A 107 16.62 -16.74 -8.00
C PHE A 107 15.26 -16.64 -7.35
N ASP A 108 15.21 -15.93 -6.22
CA ASP A 108 13.95 -15.65 -5.54
C ASP A 108 13.31 -14.44 -6.22
N TYR A 109 12.52 -14.71 -7.26
CA TYR A 109 11.94 -13.67 -8.09
C TYR A 109 10.49 -13.44 -7.71
N TRP A 110 10.06 -12.18 -7.77
CA TRP A 110 8.67 -11.80 -7.65
C TRP A 110 8.34 -10.81 -8.75
N GLY A 111 7.06 -10.76 -9.12
CA GLY A 111 6.57 -9.71 -9.99
C GLY A 111 6.15 -8.49 -9.20
N GLN A 112 5.68 -7.48 -9.93
CA GLN A 112 5.17 -6.29 -9.27
C GLN A 112 3.74 -6.46 -8.78
N GLY A 113 3.06 -7.54 -9.19
CA GLY A 113 1.69 -7.76 -8.80
C GLY A 113 0.71 -6.91 -9.58
N THR A 114 -0.35 -7.55 -10.10
CA THR A 114 -1.45 -6.83 -10.72
C THR A 114 -2.70 -7.07 -9.89
N LEU A 115 -3.46 -6.00 -9.66
CA LEU A 115 -4.62 -6.05 -8.78
C LEU A 115 -5.88 -6.33 -9.59
N VAL A 116 -6.64 -7.32 -9.15
CA VAL A 116 -7.96 -7.61 -9.70
C VAL A 116 -9.00 -7.31 -8.62
N THR A 117 -10.11 -6.72 -9.03
CA THR A 117 -11.18 -6.35 -8.11
C THR A 117 -12.49 -6.97 -8.60
N VAL A 118 -13.23 -7.59 -7.69
CA VAL A 118 -14.44 -8.31 -8.06
C VAL A 118 -15.66 -7.56 -7.53
N SER A 119 -16.24 -6.70 -8.36
CA SER A 119 -17.48 -6.03 -8.02
C SER A 119 -18.12 -5.54 -9.32
N SER A 120 -19.42 -5.26 -9.24
CA SER A 120 -20.17 -4.79 -10.39
C SER A 120 -19.98 -3.30 -10.66
N ALA A 121 -19.16 -2.61 -9.87
CA ALA A 121 -18.91 -1.20 -10.11
C ALA A 121 -18.14 -1.01 -11.41
N SER A 122 -18.33 0.14 -12.04
CA SER A 122 -17.77 0.42 -13.36
C SER A 122 -16.45 1.18 -13.24
N THR A 123 -15.64 1.07 -14.29
CA THR A 123 -14.40 1.81 -14.37
C THR A 123 -14.69 3.29 -14.61
N LYS A 124 -14.07 4.15 -13.80
CA LYS A 124 -14.27 5.59 -13.91
C LYS A 124 -12.93 6.29 -13.76
N GLY A 125 -12.73 7.35 -14.56
CA GLY A 125 -11.52 8.13 -14.50
C GLY A 125 -11.50 9.10 -13.34
N PRO A 126 -10.31 9.47 -12.88
CA PRO A 126 -10.20 10.34 -11.72
C PRO A 126 -10.46 11.80 -12.06
N SER A 127 -11.09 12.50 -11.13
CA SER A 127 -11.36 13.93 -11.23
C SER A 127 -10.44 14.62 -10.23
N VAL A 128 -9.32 15.13 -10.70
CA VAL A 128 -8.33 15.76 -9.82
C VAL A 128 -8.67 17.23 -9.66
N PHE A 129 -8.26 17.79 -8.51
CA PHE A 129 -8.52 19.17 -8.16
C PHE A 129 -7.33 19.70 -7.38
N PRO A 130 -7.00 20.98 -7.56
CA PRO A 130 -5.82 21.56 -6.89
C PRO A 130 -6.13 22.02 -5.47
N LEU A 131 -5.06 22.13 -4.69
CA LEU A 131 -5.17 22.61 -3.29
C LEU A 131 -4.23 23.79 -3.14
N ALA A 132 -4.73 25.02 -3.21
CA ALA A 132 -3.87 26.23 -3.20
C ALA A 132 -3.19 26.46 -1.84
N PRO A 133 -1.86 26.69 -1.82
CA PRO A 133 -1.15 26.96 -0.57
C PRO A 133 -1.38 28.29 0.16
N SER A 134 -1.43 29.41 -0.58
CA SER A 134 -1.54 30.75 0.05
C SER A 134 -0.88 30.77 1.44
N GLY A 140 5.76 32.56 3.76
CA GLY A 140 5.34 32.74 5.16
C GLY A 140 5.28 31.41 5.88
N GLY A 141 6.44 30.79 6.13
CA GLY A 141 6.49 29.44 6.74
C GLY A 141 6.54 28.45 5.60
N THR A 142 7.17 27.28 5.78
CA THR A 142 7.28 26.38 4.61
C THR A 142 5.85 26.09 4.18
N ALA A 143 5.56 26.22 2.88
CA ALA A 143 4.17 26.07 2.43
C ALA A 143 3.87 24.62 2.03
N ALA A 144 2.59 24.30 1.87
CA ALA A 144 2.24 22.95 1.39
C ALA A 144 1.23 23.10 0.25
N LEU A 145 1.27 22.18 -0.70
CA LEU A 145 0.34 22.26 -1.85
C LEU A 145 0.09 20.83 -2.33
N GLY A 146 -0.97 20.60 -3.08
CA GLY A 146 -1.27 19.20 -3.43
C GLY A 146 -2.33 19.06 -4.50
N CYS A 147 -2.52 17.83 -4.97
CA CYS A 147 -3.59 17.56 -5.97
C CYS A 147 -4.55 16.63 -5.21
N LEU A 148 -5.85 16.83 -5.33
CA LEU A 148 -6.81 15.87 -4.73
C LEU A 148 -7.44 15.09 -5.86
N VAL A 149 -7.35 13.77 -5.79
CA VAL A 149 -7.95 12.92 -6.85
C VAL A 149 -9.28 12.44 -6.30
N LYS A 150 -10.33 12.56 -7.10
CA LYS A 150 -11.66 12.23 -6.55
C LYS A 150 -12.43 11.31 -7.50
N ASP A 151 -13.29 10.48 -6.93
CA ASP A 151 -14.19 9.65 -7.78
C ASP A 151 -13.41 8.85 -8.81
N TYR A 152 -12.45 8.04 -8.37
CA TYR A 152 -11.74 7.14 -9.32
C TYR A 152 -11.99 5.68 -8.94
N PHE A 153 -12.35 4.84 -9.91
CA PHE A 153 -12.50 3.39 -9.65
C PHE A 153 -11.89 2.59 -10.81
N PRO A 154 -11.34 1.35 -10.63
CA PRO A 154 -10.81 0.91 -9.33
C PRO A 154 -9.37 1.36 -9.11
N GLU A 155 -8.82 1.01 -7.94
CA GLU A 155 -7.41 1.23 -7.69
C GLU A 155 -6.58 0.38 -8.64
N PRO A 156 -5.30 0.73 -8.85
CA PRO A 156 -4.50 1.77 -8.20
C PRO A 156 -4.47 3.12 -8.92
N VAL A 157 -3.69 4.03 -8.36
CA VAL A 157 -3.39 5.32 -8.98
C VAL A 157 -1.99 5.71 -8.57
N THR A 158 -1.30 6.46 -9.43
CA THR A 158 0.08 6.82 -9.19
C THR A 158 0.27 8.31 -9.41
N VAL A 159 1.08 8.93 -8.55
CA VAL A 159 1.41 10.35 -8.68
C VAL A 159 2.85 10.56 -8.22
N SER A 160 3.58 11.40 -8.96
CA SER A 160 4.96 11.73 -8.61
C SER A 160 5.26 13.07 -9.27
N TRP A 161 5.07 14.15 -8.51
CA TRP A 161 5.02 15.50 -9.07
C TRP A 161 6.23 15.81 -9.95
N ASN A 162 5.97 16.53 -11.04
CA ASN A 162 6.98 16.93 -12.02
C ASN A 162 7.66 15.72 -12.66
N SER A 163 6.95 14.59 -12.71
CA SER A 163 7.42 13.38 -13.37
C SER A 163 8.78 12.93 -12.81
N GLY A 164 8.91 12.99 -11.49
CA GLY A 164 10.13 12.59 -10.82
C GLY A 164 11.13 13.70 -10.57
N ALA A 165 10.83 14.93 -10.99
CA ALA A 165 11.77 16.02 -10.80
C ALA A 165 11.71 16.60 -9.39
N LEU A 166 10.52 16.67 -8.81
CA LEU A 166 10.32 17.21 -7.47
C LEU A 166 9.65 16.14 -6.61
N THR A 167 10.41 15.09 -6.30
CA THR A 167 9.89 13.99 -5.48
C THR A 167 10.66 13.88 -4.16
N SER A 168 10.66 14.96 -3.39
CA SER A 168 11.38 15.02 -2.12
C SER A 168 10.41 15.41 -1.01
N GLY A 169 10.31 14.57 0.01
CA GLY A 169 9.42 14.82 1.12
C GLY A 169 7.97 14.90 0.72
N VAL A 170 7.50 13.92 -0.04
CA VAL A 170 6.13 13.87 -0.54
C VAL A 170 5.40 12.72 0.15
N HIS A 171 4.25 13.04 0.75
CA HIS A 171 3.39 12.04 1.37
C HIS A 171 2.14 11.88 0.52
N THR A 172 1.88 10.64 0.09
CA THR A 172 0.68 10.32 -0.69
C THR A 172 -0.15 9.34 0.13
N PHE A 173 -1.25 9.83 0.70
CA PHE A 173 -2.05 9.04 1.63
C PHE A 173 -2.76 7.91 0.88
N PRO A 174 -2.94 6.76 1.54
CA PRO A 174 -3.70 5.67 0.93
C PRO A 174 -5.12 6.10 0.58
N ALA A 175 -5.71 5.37 -0.36
CA ALA A 175 -7.03 5.71 -0.85
C ALA A 175 -8.09 5.38 0.19
N VAL A 176 -9.04 6.31 0.36
CA VAL A 176 -10.20 6.09 1.20
C VAL A 176 -11.37 5.70 0.30
N LEU A 177 -12.12 4.67 0.72
CA LEU A 177 -13.28 4.22 -0.04
C LEU A 177 -14.49 4.97 0.48
N GLN A 178 -14.89 6.01 -0.25
CA GLN A 178 -16.15 6.69 0.06
C GLN A 178 -17.31 5.71 -0.10
N SER A 179 -18.31 5.85 0.77
CA SER A 179 -19.44 4.94 0.75
C SER A 179 -20.20 4.97 -0.58
N SER A 180 -19.97 5.99 -1.41
CA SER A 180 -20.54 6.00 -2.75
C SER A 180 -19.94 4.93 -3.64
N GLY A 181 -18.78 4.39 -3.28
CA GLY A 181 -18.13 3.34 -4.05
C GLY A 181 -16.91 3.79 -4.83
N LEU A 182 -16.56 5.07 -4.79
CA LEU A 182 -15.45 5.62 -5.54
C LEU A 182 -14.32 5.96 -4.58
N TYR A 183 -13.13 5.42 -4.86
CA TYR A 183 -11.96 5.79 -4.08
C TYR A 183 -11.61 7.26 -4.33
N SER A 184 -10.84 7.83 -3.42
CA SER A 184 -10.35 9.19 -3.55
C SER A 184 -9.20 9.38 -2.57
N LEU A 185 -8.23 10.18 -2.98
CA LEU A 185 -7.07 10.48 -2.15
C LEU A 185 -6.47 11.80 -2.62
N SER A 186 -5.32 12.16 -2.05
CA SER A 186 -4.61 13.37 -2.42
C SER A 186 -3.15 13.20 -2.02
N SER A 187 -2.32 14.11 -2.53
CA SER A 187 -0.89 14.09 -2.23
C SER A 187 -0.43 15.51 -1.94
N VAL A 188 0.65 15.62 -1.15
CA VAL A 188 1.14 16.90 -0.69
C VAL A 188 2.67 16.98 -0.65
N VAL A 189 3.19 18.16 -0.97
CA VAL A 189 4.67 18.38 -0.98
C VAL A 189 4.85 19.64 -0.14
N THR A 190 5.73 19.59 0.85
CA THR A 190 6.10 20.81 1.60
C THR A 190 7.17 21.45 0.74
N VAL A 191 7.08 22.76 0.53
CA VAL A 191 7.89 23.47 -0.46
C VAL A 191 8.44 24.69 0.26
N PRO A 192 9.56 25.29 -0.22
CA PRO A 192 10.05 26.55 0.36
C PRO A 192 8.96 27.58 0.65
N SER A 193 9.22 28.43 1.65
CA SER A 193 8.19 29.32 2.17
C SER A 193 7.64 30.25 1.10
N SER A 194 8.53 30.85 0.30
CA SER A 194 8.14 31.83 -0.71
C SER A 194 8.73 31.40 -2.05
N SER A 195 8.26 30.26 -2.56
CA SER A 195 8.68 29.75 -3.87
C SER A 195 7.90 30.47 -4.98
N LEU A 196 8.09 31.78 -5.05
CA LEU A 196 7.40 32.59 -6.03
C LEU A 196 7.89 32.28 -7.44
N GLY A 197 6.95 32.00 -8.34
CA GLY A 197 7.32 31.75 -9.73
C GLY A 197 8.19 30.53 -9.91
N THR A 198 7.94 29.47 -9.14
CA THR A 198 8.66 28.23 -9.35
C THR A 198 8.37 27.69 -10.75
N GLN A 199 9.26 26.83 -11.24
CA GLN A 199 9.22 26.41 -12.63
C GLN A 199 7.87 25.80 -12.96
N THR A 200 7.52 24.70 -12.29
CA THR A 200 6.24 24.06 -12.56
C THR A 200 5.83 23.19 -11.38
N TYR A 201 4.53 22.87 -11.34
CA TYR A 201 3.99 21.90 -10.39
C TYR A 201 2.93 21.08 -11.14
N ILE A 202 3.37 20.00 -11.77
CA ILE A 202 2.53 19.19 -12.64
C ILE A 202 1.91 18.01 -11.93
N CYS A 203 0.58 17.99 -11.87
CA CYS A 203 -0.18 16.88 -11.29
C CYS A 203 0.19 15.63 -12.09
N ASN A 204 1.03 14.80 -11.50
CA ASN A 204 1.52 13.62 -12.26
C ASN A 204 0.59 12.45 -11.98
N VAL A 205 -0.65 12.52 -12.42
CA VAL A 205 -1.59 11.44 -12.01
C VAL A 205 -1.94 10.55 -13.21
N ASN A 206 -1.84 9.24 -13.02
CA ASN A 206 -2.24 8.31 -14.10
C ASN A 206 -3.17 7.23 -13.56
N HIS A 207 -4.25 6.96 -14.27
CA HIS A 207 -5.13 5.83 -13.86
C HIS A 207 -4.84 4.70 -14.85
N LYS A 208 -4.40 3.55 -14.34
CA LYS A 208 -4.18 2.40 -15.25
C LYS A 208 -5.50 1.81 -15.76
N PRO A 209 -6.52 1.50 -14.92
CA PRO A 209 -7.70 0.82 -15.43
C PRO A 209 -8.41 1.65 -16.50
N SER A 210 -8.52 2.96 -16.27
CA SER A 210 -9.08 3.87 -17.30
C SER A 210 -7.92 4.69 -17.79
N ASN A 211 -7.70 4.77 -19.09
CA ASN A 211 -6.47 5.45 -19.55
C ASN A 211 -6.71 6.93 -19.33
N THR A 212 -6.54 7.36 -18.08
CA THR A 212 -6.76 8.78 -17.74
C THR A 212 -5.51 9.46 -17.20
N LYS A 213 -4.47 9.57 -18.02
CA LYS A 213 -3.28 10.33 -17.57
C LYS A 213 -3.55 11.83 -17.53
N VAL A 214 -3.51 12.43 -16.34
CA VAL A 214 -3.89 13.86 -16.24
C VAL A 214 -2.87 14.75 -15.53
N ASP A 215 -2.89 16.04 -15.82
CA ASP A 215 -1.91 16.97 -15.20
C ASP A 215 -2.69 18.17 -14.67
N LYS A 216 -2.12 18.97 -13.77
CA LYS A 216 -2.90 20.08 -13.17
C LYS A 216 -1.99 21.20 -12.71
N LYS A 217 -2.56 22.38 -12.53
CA LYS A 217 -1.79 23.57 -12.10
C LYS A 217 -2.10 23.76 -10.62
N VAL A 218 -1.11 24.20 -9.84
CA VAL A 218 -1.37 24.50 -8.41
C VAL A 218 -0.76 25.89 -8.18
N GLU A 219 -1.49 26.93 -8.58
CA GLU A 219 -0.98 28.31 -8.44
C GLU A 219 -1.92 29.02 -7.48
N PRO A 220 -1.41 29.69 -6.43
CA PRO A 220 -2.26 30.35 -5.46
C PRO A 220 -3.19 31.31 -6.21
N ILE B 2 -2.33 -27.63 7.54
CA ILE B 2 -1.07 -27.13 8.08
C ILE B 2 -1.23 -25.65 8.38
N GLN B 3 -0.79 -25.22 9.56
CA GLN B 3 -0.98 -23.84 10.00
C GLN B 3 0.33 -23.29 10.55
N MET B 4 0.71 -22.09 10.09
CA MET B 4 1.85 -21.37 10.62
C MET B 4 1.35 -20.32 11.59
N THR B 5 1.73 -20.47 12.86
CA THR B 5 1.33 -19.54 13.91
C THR B 5 2.46 -18.54 14.13
N GLN B 6 2.19 -17.27 13.83
CA GLN B 6 3.21 -16.23 13.83
C GLN B 6 2.92 -15.25 14.95
N SER B 7 3.89 -15.07 15.86
CA SER B 7 3.76 -14.18 17.00
C SER B 7 4.99 -13.29 17.12
N PRO B 8 4.82 -12.00 17.42
CA PRO B 8 3.53 -11.36 17.65
C PRO B 8 2.88 -10.87 16.36
N SER B 9 1.70 -10.27 16.48
CA SER B 9 1.04 -9.69 15.32
C SER B 9 1.59 -8.32 14.98
N THR B 10 2.12 -7.60 15.97
CA THR B 10 2.60 -6.22 15.79
C THR B 10 3.49 -5.83 16.95
N LEU B 11 4.67 -5.26 16.67
CA LEU B 11 5.55 -4.77 17.71
C LEU B 11 6.18 -3.45 17.30
N SER B 12 6.55 -2.66 18.30
CA SER B 12 7.17 -1.36 18.11
C SER B 12 8.46 -1.29 18.89
N ALA B 13 9.49 -0.70 18.27
CA ALA B 13 10.78 -0.54 18.93
C ALA B 13 11.55 0.56 18.20
N SER B 14 12.39 1.27 18.96
CA SER B 14 13.18 2.34 18.37
C SER B 14 14.42 1.77 17.68
N VAL B 15 15.26 2.66 17.17
CA VAL B 15 16.43 2.24 16.41
C VAL B 15 17.47 1.63 17.35
N GLY B 16 18.15 0.60 16.88
CA GLY B 16 19.16 -0.09 17.66
C GLY B 16 18.67 -1.19 18.57
N ASP B 17 17.39 -1.53 18.51
CA ASP B 17 16.82 -2.52 19.41
C ASP B 17 16.86 -3.92 18.78
N ARG B 18 16.85 -4.92 19.66
CA ARG B 18 16.80 -6.32 19.24
C ARG B 18 15.33 -6.73 19.14
N VAL B 19 14.93 -7.23 17.97
CA VAL B 19 13.56 -7.60 17.69
C VAL B 19 13.51 -9.08 17.31
N THR B 20 12.63 -9.83 17.98
CA THR B 20 12.45 -11.25 17.73
C THR B 20 11.01 -11.51 17.31
N ILE B 21 10.84 -12.20 16.18
CA ILE B 21 9.53 -12.58 15.68
C ILE B 21 9.43 -14.10 15.69
N THR B 22 8.46 -14.63 16.42
CA THR B 22 8.28 -16.06 16.59
C THR B 22 7.28 -16.60 15.57
N CYS B 23 7.63 -17.73 14.95
CA CYS B 23 6.74 -18.44 14.05
C CYS B 23 6.62 -19.87 14.55
N ARG B 24 5.43 -20.24 14.98
CA ARG B 24 5.17 -21.58 15.51
C ARG B 24 4.49 -22.42 14.43
N ALA B 25 5.01 -23.62 14.22
CA ALA B 25 4.49 -24.52 13.19
C ALA B 25 3.56 -25.55 13.82
N SER B 26 2.38 -25.73 13.22
CA SER B 26 1.41 -26.72 13.68
C SER B 26 1.92 -28.15 13.60
N GLN B 27 3.01 -28.39 12.86
CA GLN B 27 3.51 -29.73 12.64
C GLN B 27 5.01 -29.65 12.46
N PHE B 28 5.66 -30.82 12.42
CA PHE B 28 7.09 -30.88 12.16
C PHE B 28 7.36 -30.45 10.72
N ILE B 29 8.19 -29.42 10.54
CA ILE B 29 8.54 -28.95 9.20
C ILE B 29 10.05 -28.98 8.98
N SER B 30 10.79 -29.71 9.82
CA SER B 30 12.24 -29.86 9.71
C SER B 30 12.87 -28.47 9.74
N ARG B 31 13.57 -28.04 8.69
CA ARG B 31 14.08 -26.68 8.59
C ARG B 31 13.59 -25.99 7.32
N TRP B 32 12.57 -26.54 6.67
CA TRP B 32 12.04 -25.96 5.43
C TRP B 32 11.12 -24.78 5.77
N LEU B 33 11.76 -23.70 6.22
CA LEU B 33 11.06 -22.47 6.53
C LEU B 33 11.87 -21.28 6.01
N ALA B 34 11.17 -20.33 5.37
CA ALA B 34 11.78 -19.13 4.85
C ALA B 34 11.12 -17.90 5.45
N TRP B 35 11.87 -16.80 5.48
CA TRP B 35 11.40 -15.53 6.02
C TRP B 35 11.41 -14.48 4.93
N TYR B 36 10.30 -13.79 4.76
CA TYR B 36 10.18 -12.73 3.76
C TYR B 36 9.91 -11.39 4.43
N GLN B 37 10.34 -10.33 3.75
CA GLN B 37 10.05 -8.96 4.14
C GLN B 37 9.27 -8.30 3.03
N GLN B 38 8.20 -7.58 3.41
CA GLN B 38 7.37 -6.87 2.45
C GLN B 38 7.16 -5.45 2.94
N LYS B 39 7.66 -4.49 2.20
CA LYS B 39 7.44 -3.08 2.49
C LYS B 39 6.18 -2.58 1.77
N PRO B 40 5.52 -1.55 2.30
CA PRO B 40 4.20 -1.17 1.79
C PRO B 40 4.23 -0.81 0.32
N GLY B 41 3.35 -1.45 -0.46
CA GLY B 41 3.24 -1.20 -1.88
C GLY B 41 4.14 -2.05 -2.76
N LYS B 42 5.14 -2.71 -2.18
CA LYS B 42 6.13 -3.46 -2.93
C LYS B 42 5.98 -4.96 -2.69
N ALA B 43 6.59 -5.74 -3.57
CA ALA B 43 6.57 -7.19 -3.48
C ALA B 43 7.46 -7.68 -2.34
N PRO B 44 7.25 -8.92 -1.89
CA PRO B 44 8.11 -9.45 -0.81
C PRO B 44 9.55 -9.63 -1.26
N LYS B 45 10.39 -9.97 -0.28
CA LYS B 45 11.83 -10.05 -0.46
C LYS B 45 12.32 -11.16 0.46
N LEU B 46 13.12 -12.07 -0.07
CA LEU B 46 13.62 -13.17 0.74
C LEU B 46 14.69 -12.66 1.69
N LEU B 47 14.55 -12.98 2.97
CA LEU B 47 15.57 -12.70 3.97
C LEU B 47 16.35 -13.96 4.34
N ILE B 48 15.63 -15.01 4.74
CA ILE B 48 16.32 -16.22 5.26
C ILE B 48 15.71 -17.48 4.65
N TYR B 49 16.51 -18.53 4.46
CA TYR B 49 16.04 -19.83 3.93
C TYR B 49 16.72 -20.95 4.74
N LYS B 50 16.15 -22.15 4.72
CA LYS B 50 16.69 -23.29 5.51
C LYS B 50 16.76 -22.86 6.97
N ALA B 51 15.78 -22.09 7.41
CA ALA B 51 15.67 -21.65 8.81
C ALA B 51 16.75 -20.64 9.18
N SER B 52 18.01 -20.96 8.96
CA SER B 52 19.10 -20.07 9.44
C SER B 52 19.94 -19.49 8.32
N SER B 53 19.82 -20.00 7.10
CA SER B 53 20.70 -19.53 6.02
C SER B 53 20.27 -18.15 5.57
N LEU B 54 21.22 -17.27 5.29
CA LEU B 54 20.91 -15.85 4.99
C LEU B 54 21.01 -15.56 3.51
N GLU B 55 20.12 -14.74 3.00
CA GLU B 55 20.14 -14.47 1.55
C GLU B 55 21.34 -13.69 1.08
N SER B 56 21.34 -13.32 -0.19
CA SER B 56 22.44 -12.56 -0.76
C SER B 56 21.94 -11.13 -0.64
N GLY B 57 22.82 -10.24 -0.20
CA GLY B 57 22.48 -8.84 -0.08
C GLY B 57 21.62 -8.46 1.10
N VAL B 58 21.33 -9.39 2.01
CA VAL B 58 20.60 -9.11 3.24
C VAL B 58 21.61 -9.07 4.38
N PRO B 59 21.63 -8.01 5.19
CA PRO B 59 22.72 -7.81 6.14
C PRO B 59 22.76 -8.89 7.21
N SER B 60 23.92 -8.99 7.86
CA SER B 60 24.12 -9.92 8.96
C SER B 60 23.36 -9.53 10.21
N ARG B 61 22.71 -8.37 10.23
CA ARG B 61 21.81 -8.03 11.33
C ARG B 61 20.61 -8.95 11.36
N PHE B 62 20.24 -9.51 10.22
CA PHE B 62 19.13 -10.46 10.15
C PHE B 62 19.65 -11.87 10.39
N SER B 63 18.93 -12.61 11.24
CA SER B 63 19.34 -13.96 11.57
C SER B 63 18.10 -14.81 11.77
N GLY B 64 18.24 -16.10 11.53
CA GLY B 64 17.16 -17.05 11.72
C GLY B 64 17.66 -18.23 12.51
N SER B 65 16.82 -18.75 13.37
CA SER B 65 17.17 -19.98 14.10
C SER B 65 15.89 -20.75 14.33
N GLY B 66 15.99 -22.04 14.55
CA GLY B 66 14.78 -22.82 14.86
C GLY B 66 14.92 -24.15 14.19
N SER B 67 14.14 -25.12 14.65
CA SER B 67 14.11 -26.46 14.02
C SER B 67 12.79 -27.06 14.46
N GLU B 68 12.37 -28.17 13.85
CA GLU B 68 11.15 -28.83 14.35
C GLU B 68 9.96 -27.88 14.23
N THR B 69 9.32 -27.52 15.34
CA THR B 69 8.09 -26.72 15.25
C THR B 69 8.26 -25.27 15.71
N HIS B 70 9.40 -24.88 16.26
CA HIS B 70 9.52 -23.50 16.79
C HIS B 70 10.59 -22.75 16.01
N PHE B 71 10.25 -21.56 15.52
CA PHE B 71 11.20 -20.82 14.66
C PHE B 71 11.21 -19.35 15.03
N THR B 72 12.35 -18.70 14.86
CA THR B 72 12.48 -17.28 15.28
C THR B 72 13.30 -16.44 14.31
N LEU B 73 12.81 -15.27 13.94
CA LEU B 73 13.56 -14.33 13.12
C LEU B 73 14.01 -13.17 14.00
N THR B 74 15.31 -12.92 14.01
CA THR B 74 15.91 -11.96 14.92
C THR B 74 16.56 -10.82 14.15
N ILE B 75 16.27 -9.59 14.55
CA ILE B 75 16.86 -8.39 13.99
C ILE B 75 17.69 -7.74 15.09
N SER B 76 19.02 -7.85 14.99
CA SER B 76 19.90 -7.44 16.08
C SER B 76 19.78 -5.96 16.39
N SER B 77 20.06 -5.11 15.40
CA SER B 77 19.87 -3.68 15.53
C SER B 77 18.86 -3.23 14.49
N LEU B 78 17.81 -2.54 14.94
CA LEU B 78 16.72 -2.13 14.08
C LEU B 78 17.01 -0.77 13.47
N GLN B 79 16.80 -0.65 12.16
CA GLN B 79 17.05 0.58 11.41
C GLN B 79 15.74 1.17 10.92
N PRO B 80 15.68 2.49 10.71
CA PRO B 80 14.39 3.11 10.33
C PRO B 80 13.86 2.65 8.99
N ASP B 81 14.72 2.25 8.06
CA ASP B 81 14.26 1.73 6.78
C ASP B 81 13.77 0.29 6.86
N ASP B 82 13.79 -0.32 8.05
CA ASP B 82 13.36 -1.70 8.23
C ASP B 82 11.89 -1.81 8.64
N VAL B 83 11.12 -0.73 8.52
CA VAL B 83 9.69 -0.78 8.80
C VAL B 83 8.99 -1.47 7.64
N ALA B 84 8.36 -2.60 7.93
CA ALA B 84 7.71 -3.44 6.92
C ALA B 84 6.95 -4.54 7.64
N THR B 85 6.40 -5.47 6.87
CA THR B 85 5.73 -6.64 7.41
C THR B 85 6.51 -7.89 7.05
N TYR B 86 6.74 -8.72 8.06
CA TYR B 86 7.59 -9.90 7.88
C TYR B 86 6.73 -11.14 8.02
N TYR B 87 6.98 -12.14 7.19
CA TYR B 87 6.12 -13.35 7.16
C TYR B 87 6.96 -14.61 7.15
N CYS B 88 6.39 -15.72 7.58
CA CYS B 88 7.11 -17.01 7.52
C CYS B 88 6.39 -17.91 6.53
N GLN B 89 7.13 -18.71 5.76
CA GLN B 89 6.51 -19.65 4.82
C GLN B 89 7.17 -21.02 4.98
N GLU B 90 6.39 -22.09 4.92
CA GLU B 90 6.95 -23.45 5.00
C GLU B 90 6.88 -24.10 3.62
N TYR B 91 7.95 -24.78 3.20
CA TYR B 91 8.01 -25.40 1.87
C TYR B 91 8.20 -26.91 1.99
N THR B 92 7.63 -27.51 3.04
CA THR B 92 7.85 -28.95 3.31
C THR B 92 7.23 -29.88 2.27
N SER B 93 6.05 -29.56 1.76
CA SER B 93 5.39 -30.52 0.86
C SER B 93 4.90 -29.91 -0.44
N TYR B 94 3.76 -30.38 -0.94
CA TYR B 94 3.27 -29.95 -2.27
C TYR B 94 2.94 -28.47 -2.26
N GLY B 95 2.28 -28.02 -1.22
CA GLY B 95 1.85 -26.61 -1.17
C GLY B 95 2.67 -25.77 -0.23
N ARG B 96 2.48 -24.47 -0.29
CA ARG B 96 3.20 -23.56 0.60
C ARG B 96 2.23 -22.94 1.60
N THR B 97 2.57 -22.99 2.89
CA THR B 97 1.72 -22.41 3.95
C THR B 97 2.40 -21.17 4.49
N PHE B 98 1.68 -20.06 4.58
CA PHE B 98 2.32 -18.80 5.00
C PHE B 98 1.94 -18.48 6.44
N GLY B 99 2.48 -17.39 6.95
CA GLY B 99 2.23 -16.97 8.30
C GLY B 99 1.30 -15.76 8.35
N GLN B 100 0.83 -15.46 9.56
CA GLN B 100 -0.11 -14.36 9.75
C GLN B 100 0.51 -13.00 9.46
N GLY B 101 1.84 -12.89 9.57
CA GLY B 101 2.52 -11.62 9.38
C GLY B 101 2.79 -10.90 10.69
N THR B 102 3.71 -9.94 10.63
CA THR B 102 4.08 -9.16 11.79
C THR B 102 4.46 -7.76 11.34
N LYS B 103 3.77 -6.75 11.88
CA LYS B 103 4.02 -5.36 11.53
C LYS B 103 5.06 -4.77 12.47
N VAL B 104 6.02 -4.04 11.90
CA VAL B 104 7.10 -3.40 12.65
C VAL B 104 7.04 -1.90 12.42
N GLU B 105 7.19 -1.14 13.51
CA GLU B 105 7.23 0.31 13.42
C GLU B 105 8.17 0.84 14.50
N ILE B 106 8.68 2.05 14.28
CA ILE B 106 9.75 2.61 15.09
C ILE B 106 9.16 3.61 16.09
N LYS B 107 9.73 3.65 17.29
CA LYS B 107 9.42 4.68 18.26
C LYS B 107 10.45 5.80 18.14
N ARG B 108 9.99 7.03 18.31
CA ARG B 108 10.85 8.20 18.26
C ARG B 108 10.26 9.31 19.11
N THR B 109 11.11 10.25 19.51
CA THR B 109 10.64 11.40 20.27
C THR B 109 9.63 12.18 19.44
N VAL B 110 8.66 12.79 20.12
CA VAL B 110 7.51 13.37 19.44
C VAL B 110 7.95 14.51 18.54
N ALA B 111 7.28 14.63 17.39
CA ALA B 111 7.44 15.75 16.48
C ALA B 111 6.09 16.43 16.32
N ALA B 112 6.09 17.75 16.42
CA ALA B 112 4.83 18.47 16.38
C ALA B 112 4.29 18.52 14.95
N PRO B 113 2.98 18.32 14.77
CA PRO B 113 2.40 18.40 13.43
C PRO B 113 2.28 19.83 12.94
N SER B 114 2.61 20.03 11.67
CA SER B 114 2.45 21.33 11.01
C SER B 114 1.16 21.30 10.22
N VAL B 115 0.20 22.13 10.60
CA VAL B 115 -1.16 22.06 10.09
C VAL B 115 -1.33 23.07 8.96
N PHE B 116 -2.09 22.67 7.94
CA PHE B 116 -2.38 23.51 6.78
C PHE B 116 -3.84 23.35 6.40
N ILE B 117 -4.47 24.44 6.00
CA ILE B 117 -5.88 24.45 5.61
C ILE B 117 -5.96 24.76 4.11
N PHE B 118 -6.89 24.09 3.43
CA PHE B 118 -7.05 24.23 1.99
C PHE B 118 -8.53 24.40 1.67
N PRO B 119 -8.95 25.55 1.14
CA PRO B 119 -10.34 25.72 0.72
C PRO B 119 -10.64 24.92 -0.53
N PRO B 120 -11.90 24.55 -0.76
CA PRO B 120 -12.24 23.85 -2.00
C PRO B 120 -12.08 24.77 -3.21
N SER B 121 -11.60 24.19 -4.31
CA SER B 121 -11.33 24.97 -5.51
C SER B 121 -12.63 25.31 -6.23
N ASP B 122 -12.56 26.35 -7.06
CA ASP B 122 -13.74 26.78 -7.80
C ASP B 122 -14.19 25.72 -8.80
N GLU B 123 -13.26 24.92 -9.31
CA GLU B 123 -13.64 23.85 -10.23
C GLU B 123 -14.50 22.80 -9.54
N GLN B 124 -14.16 22.47 -8.30
CA GLN B 124 -14.94 21.49 -7.56
C GLN B 124 -16.26 22.06 -7.03
N LEU B 125 -16.47 23.37 -7.15
CA LEU B 125 -17.74 23.96 -6.74
C LEU B 125 -18.76 23.98 -7.88
N LYS B 126 -18.30 24.04 -9.13
CA LYS B 126 -19.21 23.88 -10.26
C LYS B 126 -19.73 22.45 -10.37
N SER B 127 -19.07 21.50 -9.71
CA SER B 127 -19.55 20.12 -9.71
C SER B 127 -20.78 19.96 -8.82
N GLY B 128 -20.85 20.71 -7.73
CA GLY B 128 -21.94 20.60 -6.78
C GLY B 128 -21.58 19.91 -5.47
N THR B 129 -20.30 19.59 -5.26
CA THR B 129 -19.85 18.91 -4.04
C THR B 129 -18.54 19.54 -3.60
N ALA B 130 -18.55 20.23 -2.46
CA ALA B 130 -17.36 20.90 -1.96
C ALA B 130 -16.60 20.00 -1.01
N SER B 131 -15.27 20.10 -1.04
CA SER B 131 -14.41 19.28 -0.22
C SER B 131 -13.32 20.15 0.40
N VAL B 132 -13.29 20.22 1.73
CA VAL B 132 -12.29 20.97 2.48
C VAL B 132 -11.36 19.97 3.15
N VAL B 133 -10.06 20.22 3.05
CA VAL B 133 -9.08 19.27 3.63
C VAL B 133 -8.16 19.96 4.63
N CYS B 134 -7.80 19.26 5.70
CA CYS B 134 -6.89 19.79 6.73
C CYS B 134 -5.71 18.82 6.74
N LEU B 135 -4.48 19.34 6.71
CA LEU B 135 -3.32 18.42 6.60
C LEU B 135 -2.41 18.54 7.81
N LEU B 136 -2.05 17.42 8.42
CA LEU B 136 -1.09 17.42 9.54
C LEU B 136 0.18 16.78 8.96
N ASN B 137 1.35 17.42 9.13
CA ASN B 137 2.56 16.92 8.45
C ASN B 137 3.68 16.54 9.40
N ASN B 138 4.32 15.39 9.16
CA ASN B 138 5.53 15.02 9.92
C ASN B 138 5.31 15.04 11.43
N PHE B 139 4.47 14.15 11.94
CA PHE B 139 4.29 14.08 13.41
C PHE B 139 4.40 12.67 13.96
N TYR B 140 4.65 12.54 15.25
CA TYR B 140 4.63 11.22 15.92
C TYR B 140 4.10 11.46 17.34
N PRO B 141 3.27 10.61 18.01
CA PRO B 141 2.74 9.36 17.48
C PRO B 141 1.62 9.54 16.44
N ARG B 142 1.05 8.43 15.98
CA ARG B 142 -0.03 8.50 15.00
C ARG B 142 -1.23 9.27 15.52
N GLU B 143 -1.55 9.09 16.80
CA GLU B 143 -2.84 9.51 17.33
C GLU B 143 -2.94 11.03 17.35
N ALA B 144 -3.86 11.56 16.55
CA ALA B 144 -4.15 12.97 16.52
C ALA B 144 -5.65 13.16 16.34
N LYS B 145 -6.22 14.11 17.05
CA LYS B 145 -7.62 14.48 16.87
C LYS B 145 -7.73 15.68 15.94
N VAL B 146 -8.84 15.76 15.22
CA VAL B 146 -9.09 16.88 14.34
C VAL B 146 -10.60 17.12 14.26
N GLN B 147 -11.04 18.29 14.70
CA GLN B 147 -12.44 18.67 14.71
C GLN B 147 -12.68 19.72 13.63
N TRP B 148 -13.75 19.55 12.85
CA TRP B 148 -14.14 20.54 11.85
C TRP B 148 -15.20 21.45 12.44
N LYS B 149 -15.00 22.75 12.29
CA LYS B 149 -15.98 23.77 12.66
C LYS B 149 -16.46 24.49 11.41
N VAL B 150 -17.77 24.63 11.27
CA VAL B 150 -18.37 25.36 10.16
C VAL B 150 -19.31 26.40 10.76
N ASP B 151 -18.98 27.68 10.56
CA ASP B 151 -19.70 28.78 11.21
C ASP B 151 -19.73 28.59 12.73
N ASN B 152 -18.59 28.20 13.28
CA ASN B 152 -18.36 27.97 14.71
C ASN B 152 -19.17 26.80 15.25
N ALA B 153 -19.72 25.95 14.38
CA ALA B 153 -20.50 24.80 14.81
C ALA B 153 -19.70 23.53 14.55
N LEU B 154 -19.61 22.67 15.56
CA LEU B 154 -18.88 21.42 15.42
C LEU B 154 -19.57 20.49 14.42
N GLN B 155 -18.79 19.96 13.49
CA GLN B 155 -19.28 19.02 12.49
C GLN B 155 -19.03 17.58 12.88
N SER B 156 -19.84 16.68 12.33
CA SER B 156 -19.77 15.27 12.66
C SER B 156 -20.40 14.40 11.57
N GLY B 157 -19.77 13.27 11.28
CA GLY B 157 -20.27 12.35 10.28
C GLY B 157 -20.02 12.72 8.84
N ASN B 158 -19.28 13.79 8.58
CA ASN B 158 -19.00 14.25 7.22
C ASN B 158 -17.50 14.35 6.95
N SER B 159 -16.71 13.54 7.65
CA SER B 159 -15.26 13.57 7.48
C SER B 159 -14.73 12.13 7.46
N GLN B 160 -13.59 11.98 6.80
CA GLN B 160 -12.85 10.72 6.78
C GLN B 160 -11.35 10.95 6.76
N GLU B 161 -10.61 10.17 7.55
CA GLU B 161 -9.18 10.30 7.66
C GLU B 161 -8.29 9.19 7.16
N SER B 162 -7.15 9.56 6.59
CA SER B 162 -6.17 8.61 6.07
C SER B 162 -4.77 9.03 6.50
N VAL B 163 -4.04 8.08 7.07
CA VAL B 163 -2.67 8.29 7.52
C VAL B 163 -1.72 7.58 6.58
N THR B 164 -0.56 8.17 6.35
CA THR B 164 0.46 7.53 5.53
C THR B 164 1.10 6.38 6.30
N GLU B 165 1.94 5.63 5.60
CA GLU B 165 2.84 4.71 6.26
C GLU B 165 4.02 5.50 6.85
N GLN B 166 4.59 4.98 7.93
CA GLN B 166 5.67 5.67 8.60
C GLN B 166 6.84 5.87 7.66
N ASP B 167 7.27 7.11 7.51
CA ASP B 167 8.34 7.43 6.57
C ASP B 167 9.63 6.71 6.96
N SER B 168 10.35 6.23 5.96
CA SER B 168 11.54 5.41 6.19
C SER B 168 12.76 6.22 6.56
N LYS B 169 12.66 7.55 6.63
CA LYS B 169 13.79 8.39 7.02
C LYS B 169 13.54 9.03 8.39
N ASP B 170 12.61 9.98 8.48
CA ASP B 170 12.35 10.68 9.74
C ASP B 170 11.37 9.94 10.64
N SER B 171 10.78 8.84 10.17
CA SER B 171 9.90 7.98 10.99
C SER B 171 8.68 8.74 11.50
N THR B 172 8.13 9.62 10.67
CA THR B 172 6.97 10.40 11.04
C THR B 172 5.78 10.07 10.14
N TYR B 173 4.59 10.25 10.69
CA TYR B 173 3.35 10.06 9.94
C TYR B 173 2.86 11.41 9.42
N SER B 174 1.88 11.36 8.54
CA SER B 174 1.22 12.56 8.05
C SER B 174 -0.24 12.24 7.80
N LEU B 175 -1.13 13.00 8.42
CA LEU B 175 -2.56 12.73 8.41
C LEU B 175 -3.28 13.73 7.52
N SER B 176 -4.21 13.22 6.72
CA SER B 176 -5.12 14.04 5.93
C SER B 176 -6.54 13.88 6.45
N SER B 177 -7.31 14.96 6.41
CA SER B 177 -8.70 14.95 6.86
C SER B 177 -9.53 15.78 5.90
N THR B 178 -10.49 15.13 5.23
CA THR B 178 -11.33 15.79 4.25
C THR B 178 -12.73 16.00 4.81
N LEU B 179 -13.32 17.14 4.46
CA LEU B 179 -14.68 17.51 4.87
C LEU B 179 -15.51 17.71 3.61
N THR B 180 -16.63 17.01 3.51
CA THR B 180 -17.46 17.04 2.32
C THR B 180 -18.84 17.60 2.65
N LEU B 181 -19.31 18.51 1.79
CA LEU B 181 -20.64 19.08 1.92
C LEU B 181 -21.14 19.51 0.54
N SER B 182 -22.35 20.04 0.50
CA SER B 182 -22.95 20.42 -0.77
C SER B 182 -22.47 21.83 -1.13
N LYS B 183 -22.65 22.18 -2.41
CA LYS B 183 -22.32 23.54 -2.86
C LYS B 183 -23.22 24.57 -2.19
N ALA B 184 -24.48 24.21 -1.91
CA ALA B 184 -25.36 25.11 -1.18
C ALA B 184 -24.94 25.22 0.27
N ASP B 185 -24.56 24.09 0.89
CA ASP B 185 -24.08 24.13 2.27
C ASP B 185 -22.75 24.85 2.38
N TYR B 186 -21.95 24.85 1.32
CA TYR B 186 -20.71 25.64 1.32
C TYR B 186 -21.00 27.12 1.12
N GLU B 187 -22.01 27.46 0.32
CA GLU B 187 -22.39 28.85 0.12
C GLU B 187 -23.20 29.41 1.29
N LYS B 188 -23.82 28.53 2.09
CA LYS B 188 -24.67 28.98 3.19
C LYS B 188 -23.89 29.35 4.44
N HIS B 189 -22.58 29.10 4.47
CA HIS B 189 -21.75 29.38 5.63
C HIS B 189 -20.50 30.13 5.19
N LYS B 190 -19.73 30.58 6.18
CA LYS B 190 -18.59 31.46 5.89
C LYS B 190 -17.31 30.98 6.56
N VAL B 191 -17.36 30.69 7.86
CA VAL B 191 -16.19 30.36 8.65
C VAL B 191 -16.02 28.85 8.69
N TYR B 192 -14.88 28.37 8.17
CA TYR B 192 -14.54 26.95 8.17
C TYR B 192 -13.20 26.79 8.85
N ALA B 193 -13.13 25.89 9.84
CA ALA B 193 -11.92 25.71 10.63
C ALA B 193 -11.73 24.25 10.99
N CYS B 194 -10.47 23.83 11.11
CA CYS B 194 -10.12 22.52 11.65
C CYS B 194 -9.21 22.72 12.85
N GLU B 195 -9.68 22.31 14.03
CA GLU B 195 -8.90 22.35 15.25
C GLU B 195 -8.29 20.97 15.48
N VAL B 196 -6.97 20.89 15.53
CA VAL B 196 -6.28 19.63 15.77
C VAL B 196 -5.64 19.69 17.15
N THR B 197 -5.57 18.52 17.80
CA THR B 197 -4.90 18.35 19.07
C THR B 197 -3.93 17.17 18.95
N HIS B 198 -2.76 17.32 19.54
CA HIS B 198 -1.74 16.28 19.48
C HIS B 198 -0.86 16.39 20.72
N GLN B 199 -0.20 15.28 21.05
CA GLN B 199 0.68 15.25 22.21
C GLN B 199 1.84 16.22 22.05
N GLY B 200 2.26 16.48 20.81
CA GLY B 200 3.39 17.38 20.60
C GLY B 200 3.06 18.83 20.88
N LEU B 201 1.87 19.28 20.48
CA LEU B 201 1.47 20.66 20.72
C LEU B 201 0.86 20.79 22.12
N SER B 202 1.32 21.80 22.86
CA SER B 202 0.81 22.00 24.21
C SER B 202 -0.61 22.54 24.18
N SER B 203 -0.93 23.39 23.21
CA SER B 203 -2.25 23.96 23.05
C SER B 203 -2.81 23.59 21.67
N PRO B 204 -4.11 23.30 21.57
CA PRO B 204 -4.70 22.96 20.27
C PRO B 204 -4.52 24.09 19.27
N VAL B 205 -4.01 23.74 18.09
CA VAL B 205 -3.69 24.70 17.05
C VAL B 205 -4.79 24.66 16.00
N THR B 206 -5.33 25.83 15.65
CA THR B 206 -6.43 25.94 14.72
C THR B 206 -6.01 26.76 13.51
N LYS B 207 -6.35 26.28 12.31
CA LYS B 207 -6.20 27.01 11.07
C LYS B 207 -7.56 27.13 10.41
N SER B 208 -7.85 28.30 9.85
CA SER B 208 -9.18 28.56 9.31
C SER B 208 -9.09 29.52 8.13
N PHE B 209 -10.19 29.59 7.37
CA PHE B 209 -10.32 30.52 6.26
C PHE B 209 -11.75 31.03 6.21
N ASN B 210 -11.93 32.13 5.48
CA ASN B 210 -13.24 32.73 5.26
C ASN B 210 -13.57 32.64 3.78
N ARG B 211 -14.77 32.15 3.46
CA ARG B 211 -15.19 32.00 2.07
C ARG B 211 -15.36 33.38 1.44
N GLY B 212 -14.49 33.70 0.50
CA GLY B 212 -14.49 34.99 -0.17
C GLY B 212 -13.20 35.77 -0.02
N GLU B 213 -12.36 35.41 0.94
CA GLU B 213 -11.09 36.10 1.15
C GLU B 213 -9.93 35.20 0.73
#